data_4JVL
#
_entry.id   4JVL
#
_cell.length_a   62.762
_cell.length_b   96.902
_cell.length_c   61.987
_cell.angle_alpha   90.00
_cell.angle_beta   92.06
_cell.angle_gamma   90.00
#
_symmetry.space_group_name_H-M   'P 1 21 1'
#
loop_
_entity.id
_entity.type
_entity.pdbx_description
1 polymer 'Estrogen sulfotransferase'
2 non-polymer "ADENOSINE-3'-5'-DIPHOSPHATE"
3 non-polymer ESTRADIOL
4 non-polymer 'SODIUM ION'
5 non-polymer 1,2-ETHANEDIOL
6 water water
#
_entity_poly.entity_id   1
_entity_poly.type   'polypeptide(L)'
_entity_poly.pdbx_seq_one_letter_code
;MNSELDYYEKFEEVHGILMYKDFVKYWDNVEAFQARPDDLVIATYPKSGTTWVSEIVYMIYKEGDVEKCKEDVIFNRIPF
LECRKENLMNGVKQLDEMNSPRIVKTHLPPELLPASFWEKDCKIIYLCRNAKDVAVSFYYFFLMVAGHPNPGSFPEFVEK
FMQGQVPYGSWYKHVKSWWEKGKSPRVLFLFYEDLKEDIRKEVIKLIHFLERKPSEELVDRIIHHTSFQEMKNNPSTNYT
TLPDEIMNQKLSPFMRKGITGDWKNHFTEALNEKFDKHYEQQMKESTLKFRTEI
;
_entity_poly.pdbx_strand_id   A,B
#
# COMPACT_ATOMS: atom_id res chain seq x y z
N ASN A 2 5.90 22.15 7.85
CA ASN A 2 6.91 21.83 6.85
C ASN A 2 6.32 21.27 5.57
N SER A 3 5.51 20.22 5.70
CA SER A 3 4.65 19.84 4.58
C SER A 3 3.68 20.99 4.35
N GLU A 4 3.03 21.43 5.43
CA GLU A 4 2.12 22.57 5.36
C GLU A 4 2.82 23.84 4.86
N LEU A 5 4.09 24.00 5.26
CA LEU A 5 4.85 25.15 4.79
C LEU A 5 5.10 25.02 3.29
N ASP A 6 5.35 23.78 2.85
CA ASP A 6 5.59 23.47 1.44
C ASP A 6 4.36 23.85 0.61
N TYR A 7 3.19 23.43 1.07
CA TYR A 7 1.93 23.74 0.38
C TYR A 7 1.70 25.24 0.34
N TYR A 8 1.99 25.91 1.45
CA TYR A 8 1.90 27.36 1.53
C TYR A 8 2.73 28.08 0.47
N GLU A 9 3.94 27.58 0.22
CA GLU A 9 4.83 28.20 -0.75
C GLU A 9 4.39 27.97 -2.21
N LYS A 10 3.76 26.82 -2.46
CA LYS A 10 3.45 26.41 -3.82
C LYS A 10 2.07 26.85 -4.30
N PHE A 11 1.12 26.89 -3.38
CA PHE A 11 -0.27 27.13 -3.74
C PHE A 11 -0.86 28.33 -3.01
N GLU A 12 -1.83 28.99 -3.65
CA GLU A 12 -2.67 29.94 -2.95
C GLU A 12 -4.05 29.94 -3.59
N GLU A 13 -5.03 30.46 -2.87
CA GLU A 13 -6.40 30.40 -3.34
C GLU A 13 -6.81 31.50 -4.32
N VAL A 14 -7.65 31.13 -5.27
CA VAL A 14 -8.31 32.11 -6.11
C VAL A 14 -9.79 31.72 -6.16
N HIS A 15 -10.66 32.68 -5.84
CA HIS A 15 -12.09 32.43 -5.68
C HIS A 15 -12.35 31.20 -4.79
N GLY A 16 -11.55 31.04 -3.75
CA GLY A 16 -11.75 29.97 -2.79
C GLY A 16 -11.16 28.63 -3.21
N ILE A 17 -10.55 28.59 -4.38
CA ILE A 17 -10.00 27.36 -4.96
C ILE A 17 -8.47 27.39 -4.91
N LEU A 18 -7.85 26.38 -4.31
CA LEU A 18 -6.40 26.28 -4.27
C LEU A 18 -5.85 26.19 -5.71
N MET A 19 -4.72 26.86 -5.95
CA MET A 19 -4.23 27.05 -7.31
C MET A 19 -2.72 27.17 -7.33
N TYR A 20 -2.11 26.79 -8.45
CA TYR A 20 -0.68 27.00 -8.65
C TYR A 20 -0.36 28.48 -8.60
N LYS A 21 0.59 28.85 -7.74
CA LYS A 21 0.85 30.26 -7.48
C LYS A 21 1.19 31.04 -8.76
N ASP A 22 1.94 30.41 -9.66
CA ASP A 22 2.31 31.02 -10.94
C ASP A 22 1.10 31.46 -11.76
N PHE A 23 0.00 30.74 -11.63
CA PHE A 23 -1.22 31.03 -12.38
C PHE A 23 -1.92 32.23 -11.76
N VAL A 24 -1.97 32.25 -10.43
CA VAL A 24 -2.72 33.24 -9.67
C VAL A 24 -2.21 34.66 -9.89
N LYS A 25 -0.90 34.80 -10.07
CA LYS A 25 -0.28 36.09 -10.28
C LYS A 25 -0.93 36.88 -11.42
N TYR A 26 -1.32 36.17 -12.47
CA TYR A 26 -1.91 36.80 -13.65
C TYR A 26 -3.39 36.48 -13.84
N TRP A 27 -4.11 36.22 -12.74
CA TRP A 27 -5.48 35.75 -12.87
C TRP A 27 -6.45 36.75 -13.52
N ASP A 28 -6.14 38.04 -13.44
CA ASP A 28 -6.95 39.04 -14.13
C ASP A 28 -7.06 38.76 -15.64
N ASN A 29 -5.99 38.25 -16.23
CA ASN A 29 -5.98 37.89 -17.65
C ASN A 29 -6.94 36.76 -17.95
N VAL A 30 -7.07 35.85 -16.99
CA VAL A 30 -8.02 34.74 -17.12
C VAL A 30 -9.44 35.24 -16.91
N GLU A 31 -9.65 36.01 -15.86
CA GLU A 31 -10.94 36.60 -15.56
C GLU A 31 -11.52 37.35 -16.76
N ALA A 32 -10.68 38.17 -17.40
CA ALA A 32 -11.10 39.04 -18.49
C ALA A 32 -11.02 38.39 -19.87
N PHE A 33 -10.73 37.09 -19.91
CA PHE A 33 -10.53 36.42 -21.18
C PHE A 33 -11.76 36.52 -22.08
N GLN A 34 -11.54 36.85 -23.35
CA GLN A 34 -12.62 37.01 -24.30
C GLN A 34 -12.80 35.77 -25.15
N ALA A 35 -13.93 35.10 -24.98
CA ALA A 35 -14.26 33.93 -25.76
C ALA A 35 -14.75 34.34 -27.16
N ARG A 36 -14.83 33.36 -28.05
CA ARG A 36 -15.47 33.53 -29.35
C ARG A 36 -16.55 32.45 -29.39
N PRO A 37 -17.68 32.74 -30.05
CA PRO A 37 -18.82 31.82 -30.08
C PRO A 37 -18.45 30.40 -30.49
N ASP A 38 -17.47 30.26 -31.38
CA ASP A 38 -17.11 28.93 -31.88
C ASP A 38 -15.98 28.25 -31.09
N ASP A 39 -15.57 28.88 -29.98
CA ASP A 39 -14.63 28.23 -29.07
C ASP A 39 -15.24 26.95 -28.54
N LEU A 40 -14.40 25.94 -28.36
CA LEU A 40 -14.80 24.72 -27.69
C LEU A 40 -13.93 24.59 -26.45
N VAL A 41 -14.57 24.40 -25.30
CA VAL A 41 -13.83 24.20 -24.05
C VAL A 41 -13.77 22.72 -23.72
N ILE A 42 -12.58 22.26 -23.33
CA ILE A 42 -12.43 20.94 -22.77
C ILE A 42 -12.05 21.14 -21.32
N ALA A 43 -12.93 20.74 -20.42
CA ALA A 43 -12.73 20.97 -18.98
C ALA A 43 -12.63 19.65 -18.27
N THR A 44 -11.70 19.57 -17.32
CA THR A 44 -11.52 18.37 -16.53
C THR A 44 -10.92 18.72 -15.19
N TYR A 45 -11.20 17.89 -14.19
CA TYR A 45 -10.37 17.88 -13.01
C TYR A 45 -9.05 17.26 -13.45
N PRO A 46 -7.93 17.74 -12.88
CA PRO A 46 -6.62 17.20 -13.30
C PRO A 46 -6.51 15.67 -13.24
N LYS A 47 -5.78 15.12 -14.22
CA LYS A 47 -5.43 13.70 -14.29
C LYS A 47 -6.64 12.80 -14.60
N SER A 48 -7.63 13.35 -15.31
CA SER A 48 -8.85 12.62 -15.63
C SER A 48 -8.89 12.13 -17.07
N GLY A 49 -7.81 12.35 -17.82
CA GLY A 49 -7.75 11.99 -19.24
C GLY A 49 -7.88 13.17 -20.20
N THR A 50 -7.54 14.37 -19.72
CA THR A 50 -7.59 15.59 -20.54
C THR A 50 -6.87 15.43 -21.89
N THR A 51 -5.65 14.93 -21.82
CA THR A 51 -4.80 14.81 -22.99
C THR A 51 -5.44 13.87 -24.01
N TRP A 52 -6.02 12.79 -23.51
CA TRP A 52 -6.70 11.80 -24.32
C TRP A 52 -7.86 12.40 -25.10
N VAL A 53 -8.81 13.01 -24.41
CA VAL A 53 -9.97 13.55 -25.09
C VAL A 53 -9.59 14.75 -25.98
N SER A 54 -8.60 15.53 -25.55
CA SER A 54 -8.08 16.62 -26.37
C SER A 54 -7.62 16.14 -27.75
N GLU A 55 -6.87 15.06 -27.78
CA GLU A 55 -6.34 14.55 -29.05
C GLU A 55 -7.45 13.92 -29.90
N ILE A 56 -8.45 13.32 -29.27
CA ILE A 56 -9.63 12.86 -30.00
C ILE A 56 -10.34 14.04 -30.68
N VAL A 57 -10.57 15.09 -29.91
CA VAL A 57 -11.20 16.30 -30.43
C VAL A 57 -10.40 16.93 -31.56
N TYR A 58 -9.08 17.01 -31.38
CA TYR A 58 -8.24 17.64 -32.38
C TYR A 58 -8.32 16.85 -33.69
N MET A 59 -8.27 15.53 -33.58
CA MET A 59 -8.43 14.66 -34.75
C MET A 59 -9.75 14.93 -35.45
N ILE A 60 -10.84 15.03 -34.69
CA ILE A 60 -12.14 15.30 -35.28
C ILE A 60 -12.11 16.64 -36.05
N TYR A 61 -11.51 17.65 -35.45
CA TYR A 61 -11.36 18.97 -36.11
C TYR A 61 -10.58 18.87 -37.42
N LYS A 62 -9.58 17.99 -37.44
CA LYS A 62 -8.73 17.87 -38.61
C LYS A 62 -9.18 16.75 -39.54
N GLU A 63 -10.40 16.27 -39.36
CA GLU A 63 -10.94 15.16 -40.13
C GLU A 63 -9.94 13.98 -40.18
N GLY A 64 -9.31 13.72 -39.03
CA GLY A 64 -8.46 12.56 -38.87
C GLY A 64 -7.12 12.63 -39.59
N ASP A 65 -6.68 13.84 -39.93
CA ASP A 65 -5.37 14.02 -40.55
C ASP A 65 -4.29 13.99 -39.47
N VAL A 66 -3.59 12.87 -39.40
CA VAL A 66 -2.62 12.62 -38.35
C VAL A 66 -1.43 13.58 -38.44
N GLU A 67 -1.01 13.89 -39.67
CA GLU A 67 0.09 14.82 -39.88
C GLU A 67 -0.23 16.19 -39.29
N LYS A 68 -1.44 16.68 -39.51
CA LYS A 68 -1.86 17.95 -38.93
C LYS A 68 -1.82 17.93 -37.41
N CYS A 69 -2.10 16.76 -36.84
CA CYS A 69 -2.10 16.61 -35.39
C CYS A 69 -0.69 16.61 -34.80
N LYS A 70 0.31 16.27 -35.62
CA LYS A 70 1.68 16.15 -35.14
C LYS A 70 2.56 17.35 -35.48
N GLU A 71 1.97 18.38 -36.07
CA GLU A 71 2.71 19.55 -36.53
C GLU A 71 3.28 20.39 -35.39
N ASP A 72 2.64 20.34 -34.22
CA ASP A 72 3.11 21.07 -33.06
C ASP A 72 2.65 20.31 -31.83
N VAL A 73 3.25 20.56 -30.68
CA VAL A 73 2.91 19.80 -29.48
C VAL A 73 1.50 20.16 -28.99
N ILE A 74 0.89 19.25 -28.24
CA ILE A 74 -0.51 19.38 -27.88
C ILE A 74 -0.79 20.63 -27.06
N PHE A 75 0.16 21.05 -26.22
CA PHE A 75 -0.05 22.24 -25.40
C PHE A 75 0.15 23.54 -26.17
N ASN A 76 0.57 23.42 -27.43
CA ASN A 76 0.55 24.56 -28.34
C ASN A 76 -0.68 24.52 -29.25
N ARG A 77 -1.08 23.31 -29.64
CA ARG A 77 -2.27 23.15 -30.46
C ARG A 77 -3.55 23.48 -29.70
N ILE A 78 -3.57 23.12 -28.42
CA ILE A 78 -4.75 23.29 -27.56
C ILE A 78 -4.28 23.99 -26.29
N PRO A 79 -4.32 25.32 -26.29
CA PRO A 79 -3.73 26.07 -25.18
C PRO A 79 -4.43 25.84 -23.82
N PHE A 80 -3.61 25.80 -22.78
CA PHE A 80 -4.06 25.58 -21.41
C PHE A 80 -4.43 26.96 -20.85
N LEU A 81 -5.74 27.25 -20.81
CA LEU A 81 -6.30 28.59 -20.53
C LEU A 81 -5.65 29.37 -19.40
N GLU A 82 -5.71 28.83 -18.19
CA GLU A 82 -5.30 29.57 -17.00
C GLU A 82 -3.79 29.44 -16.73
N CYS A 83 -3.10 28.62 -17.52
CA CYS A 83 -1.70 28.32 -17.23
C CYS A 83 -0.77 29.48 -17.59
N ARG A 84 0.27 29.68 -16.78
N ARG A 84 0.21 29.73 -16.73
CA ARG A 84 1.24 30.75 -16.99
CA ARG A 84 1.26 30.70 -16.99
C ARG A 84 2.63 30.34 -16.48
C ARG A 84 2.60 30.15 -16.50
N LYS A 85 3.58 30.11 -17.40
CA LYS A 85 4.98 29.81 -17.04
C LYS A 85 5.97 30.55 -17.97
N GLU A 86 6.57 31.62 -17.44
CA GLU A 86 7.65 32.38 -18.11
C GLU A 86 7.54 32.50 -19.62
N ASN A 87 8.20 31.57 -20.32
CA ASN A 87 8.25 31.60 -21.77
C ASN A 87 7.46 30.45 -22.40
N LEU A 88 7.42 29.32 -21.69
CA LEU A 88 6.88 28.09 -22.26
C LEU A 88 5.36 28.09 -22.40
N MET A 89 4.65 28.62 -21.41
CA MET A 89 3.20 28.65 -21.48
C MET A 89 2.60 29.97 -21.04
N ASN A 90 1.63 30.41 -21.83
CA ASN A 90 0.78 31.53 -21.47
C ASN A 90 -0.50 31.27 -22.22
N GLY A 91 -1.46 30.58 -21.60
CA GLY A 91 -2.65 30.16 -22.30
C GLY A 91 -3.45 31.29 -22.92
N VAL A 92 -3.61 32.37 -22.16
CA VAL A 92 -4.40 33.51 -22.61
C VAL A 92 -3.75 34.13 -23.85
N LYS A 93 -2.45 34.38 -23.77
CA LYS A 93 -1.70 34.88 -24.92
C LYS A 93 -1.82 33.98 -26.12
N GLN A 94 -1.59 32.68 -25.91
CA GLN A 94 -1.66 31.72 -26.99
C GLN A 94 -3.05 31.67 -27.64
N LEU A 95 -4.09 31.77 -26.82
CA LEU A 95 -5.44 31.75 -27.33
C LEU A 95 -5.76 33.05 -28.09
N ASP A 96 -5.38 34.19 -27.51
CA ASP A 96 -5.62 35.48 -28.18
C ASP A 96 -5.09 35.54 -29.61
N GLU A 97 -3.93 34.92 -29.84
CA GLU A 97 -3.25 35.01 -31.14
C GLU A 97 -3.70 33.89 -32.07
N MET A 98 -4.46 32.96 -31.52
N MET A 98 -4.50 33.00 -31.49
CA MET A 98 -4.84 31.78 -32.26
CA MET A 98 -4.96 31.79 -32.15
C MET A 98 -6.00 32.11 -33.21
C MET A 98 -6.14 32.05 -33.09
N ASN A 99 -5.90 31.65 -34.45
N ASN A 99 -5.92 31.74 -34.36
CA ASN A 99 -7.04 31.68 -35.34
CA ASN A 99 -6.98 31.63 -35.37
C ASN A 99 -8.12 30.78 -34.78
C ASN A 99 -8.11 30.72 -34.87
N SER A 100 -9.37 31.12 -35.08
CA SER A 100 -10.48 30.23 -34.75
C SER A 100 -10.48 29.13 -35.80
N PRO A 101 -11.11 27.99 -35.51
CA PRO A 101 -11.82 27.70 -34.27
C PRO A 101 -10.90 27.19 -33.17
N ARG A 102 -11.02 27.80 -32.00
CA ARG A 102 -10.11 27.50 -30.90
C ARG A 102 -10.63 26.34 -30.05
N ILE A 103 -9.71 25.47 -29.65
CA ILE A 103 -9.99 24.47 -28.61
C ILE A 103 -9.24 24.89 -27.33
N VAL A 104 -9.99 25.04 -26.25
CA VAL A 104 -9.47 25.60 -25.01
C VAL A 104 -9.45 24.52 -23.93
N LYS A 105 -8.27 24.28 -23.35
CA LYS A 105 -8.16 23.36 -22.23
C LYS A 105 -8.18 24.10 -20.90
N THR A 106 -8.96 23.60 -19.94
CA THR A 106 -8.97 24.18 -18.61
C THR A 106 -9.21 23.10 -17.57
N HIS A 107 -8.77 23.34 -16.34
CA HIS A 107 -9.16 22.48 -15.24
C HIS A 107 -10.11 23.15 -14.27
N LEU A 108 -10.66 24.28 -14.66
CA LEU A 108 -11.43 25.10 -13.72
C LEU A 108 -12.79 24.51 -13.37
N PRO A 109 -13.21 24.65 -12.12
CA PRO A 109 -14.62 24.38 -11.77
C PRO A 109 -15.52 25.38 -12.49
N PRO A 110 -16.78 25.01 -12.75
CA PRO A 110 -17.56 25.90 -13.64
C PRO A 110 -17.75 27.30 -13.08
N GLU A 111 -17.67 27.44 -11.76
CA GLU A 111 -17.82 28.73 -11.11
C GLU A 111 -16.67 29.67 -11.45
N LEU A 112 -15.54 29.11 -11.88
CA LEU A 112 -14.36 29.90 -12.16
C LEU A 112 -14.11 30.07 -13.65
N LEU A 113 -14.88 29.38 -14.48
CA LEU A 113 -14.71 29.52 -15.93
C LEU A 113 -14.98 30.98 -16.30
N PRO A 114 -14.13 31.59 -17.15
CA PRO A 114 -14.35 33.01 -17.44
C PRO A 114 -15.73 33.26 -18.02
N ALA A 115 -16.37 34.33 -17.55
CA ALA A 115 -17.77 34.62 -17.87
C ALA A 115 -18.07 34.65 -19.36
N SER A 116 -17.09 35.07 -20.15
CA SER A 116 -17.29 35.22 -21.58
C SER A 116 -17.71 33.90 -22.24
N PHE A 117 -17.18 32.78 -21.75
CA PHE A 117 -17.54 31.47 -22.30
C PHE A 117 -19.03 31.18 -22.09
N TRP A 118 -19.56 31.52 -20.91
CA TRP A 118 -20.98 31.33 -20.64
C TRP A 118 -21.81 32.29 -21.50
N GLU A 119 -21.38 33.54 -21.53
CA GLU A 119 -22.08 34.57 -22.29
C GLU A 119 -22.21 34.22 -23.77
N LYS A 120 -21.15 33.68 -24.34
CA LYS A 120 -21.19 33.32 -25.75
C LYS A 120 -21.75 31.93 -26.02
N ASP A 121 -22.13 31.21 -24.95
CA ASP A 121 -22.78 29.91 -25.07
C ASP A 121 -21.88 28.88 -25.74
N CYS A 122 -20.57 28.96 -25.49
CA CYS A 122 -19.63 28.01 -26.08
C CYS A 122 -19.91 26.58 -25.69
N LYS A 123 -19.68 25.66 -26.62
CA LYS A 123 -19.81 24.25 -26.30
C LYS A 123 -18.70 23.88 -25.33
N ILE A 124 -19.02 22.96 -24.44
CA ILE A 124 -18.06 22.48 -23.46
C ILE A 124 -18.12 20.97 -23.45
N ILE A 125 -16.96 20.33 -23.45
CA ILE A 125 -16.85 18.91 -23.17
C ILE A 125 -16.22 18.74 -21.78
N TYR A 126 -16.91 18.04 -20.89
CA TYR A 126 -16.36 17.78 -19.57
C TYR A 126 -16.08 16.30 -19.44
N LEU A 127 -14.87 15.97 -19.01
CA LEU A 127 -14.49 14.59 -18.80
C LEU A 127 -14.10 14.35 -17.35
N CYS A 128 -14.60 13.26 -16.79
CA CYS A 128 -14.26 12.93 -15.42
C CYS A 128 -13.83 11.48 -15.30
N ARG A 129 -13.25 11.13 -14.16
CA ARG A 129 -12.67 9.83 -13.95
C ARG A 129 -12.89 9.52 -12.48
N ASN A 130 -13.02 8.24 -12.12
CA ASN A 130 -13.24 7.88 -10.72
C ASN A 130 -12.14 8.45 -9.81
N ALA A 131 -12.55 8.93 -8.63
CA ALA A 131 -11.67 9.69 -7.74
C ALA A 131 -10.43 8.94 -7.28
N LYS A 132 -10.56 7.64 -7.06
CA LYS A 132 -9.41 6.86 -6.60
C LYS A 132 -8.30 6.81 -7.63
N ASP A 133 -8.65 6.54 -8.89
CA ASP A 133 -7.65 6.55 -9.96
C ASP A 133 -7.07 7.95 -10.21
N VAL A 134 -7.92 8.97 -10.09
CA VAL A 134 -7.46 10.34 -10.20
C VAL A 134 -6.43 10.61 -9.12
N ALA A 135 -6.71 10.18 -7.90
CA ALA A 135 -5.79 10.39 -6.78
C ALA A 135 -4.42 9.75 -7.05
N VAL A 136 -4.40 8.52 -7.53
CA VAL A 136 -3.14 7.87 -7.90
C VAL A 136 -2.36 8.67 -8.93
N SER A 137 -3.03 9.01 -10.03
CA SER A 137 -2.41 9.74 -11.13
C SER A 137 -1.88 11.09 -10.64
N PHE A 138 -2.65 11.77 -9.80
CA PHE A 138 -2.29 13.10 -9.30
C PHE A 138 -1.09 12.99 -8.35
N TYR A 139 -1.02 11.89 -7.60
CA TYR A 139 0.11 11.67 -6.71
C TYR A 139 1.42 11.65 -7.48
N TYR A 140 1.47 10.84 -8.54
CA TYR A 140 2.70 10.73 -9.33
C TYR A 140 3.02 12.04 -10.03
N PHE A 141 1.96 12.74 -10.43
CA PHE A 141 2.08 14.06 -11.02
C PHE A 141 2.81 15.01 -10.06
N PHE A 142 2.39 15.03 -8.79
CA PHE A 142 3.06 15.83 -7.77
C PHE A 142 4.54 15.50 -7.70
N LEU A 143 4.86 14.21 -7.76
CA LEU A 143 6.23 13.73 -7.65
C LEU A 143 7.09 14.21 -8.81
N MET A 144 6.55 14.23 -10.02
CA MET A 144 7.41 14.42 -11.18
C MET A 144 7.36 15.80 -11.83
N VAL A 145 6.30 16.57 -11.53
CA VAL A 145 6.13 17.91 -12.11
C VAL A 145 6.56 19.02 -11.15
N ALA A 146 7.27 20.00 -11.68
CA ALA A 146 7.67 21.17 -10.91
C ALA A 146 6.45 21.95 -10.43
N GLY A 147 6.60 22.69 -9.34
CA GLY A 147 5.52 23.53 -8.83
C GLY A 147 4.66 22.82 -7.81
N HIS A 148 5.09 21.64 -7.38
CA HIS A 148 4.35 20.89 -6.37
C HIS A 148 5.21 20.73 -5.14
N PRO A 149 4.56 20.70 -3.98
CA PRO A 149 5.26 20.31 -2.76
C PRO A 149 5.51 18.80 -2.78
N ASN A 150 6.39 18.33 -1.90
CA ASN A 150 6.53 16.90 -1.67
C ASN A 150 5.20 16.37 -1.16
N PRO A 151 4.59 15.40 -1.88
CA PRO A 151 3.26 14.94 -1.49
C PRO A 151 3.31 13.97 -0.32
N GLY A 152 4.52 13.66 0.13
CA GLY A 152 4.69 12.71 1.22
C GLY A 152 4.32 11.30 0.80
N SER A 153 3.74 10.53 1.72
CA SER A 153 3.32 9.17 1.43
C SER A 153 1.98 9.22 0.72
N PHE A 154 1.62 8.15 0.04
CA PHE A 154 0.31 8.11 -0.63
C PHE A 154 -0.87 8.33 0.33
N PRO A 155 -0.89 7.63 1.49
CA PRO A 155 -1.96 7.93 2.45
C PRO A 155 -2.03 9.39 2.88
N GLU A 156 -0.90 10.05 3.04
CA GLU A 156 -0.86 11.47 3.40
C GLU A 156 -1.45 12.32 2.28
N PHE A 157 -1.08 11.99 1.04
CA PHE A 157 -1.61 12.70 -0.11
C PHE A 157 -3.12 12.50 -0.25
N VAL A 158 -3.57 11.27 -0.03
CA VAL A 158 -5.00 10.99 -0.14
C VAL A 158 -5.80 11.75 0.92
N GLU A 159 -5.20 11.96 2.08
CA GLU A 159 -5.85 12.82 3.07
C GLU A 159 -6.07 14.24 2.54
N LYS A 160 -5.05 14.82 1.90
CA LYS A 160 -5.16 16.15 1.31
C LYS A 160 -6.20 16.17 0.17
N PHE A 161 -6.20 15.10 -0.63
CA PHE A 161 -7.17 14.95 -1.71
C PHE A 161 -8.62 14.93 -1.21
N MET A 162 -8.88 14.14 -0.16
CA MET A 162 -10.22 14.07 0.38
C MET A 162 -10.69 15.44 0.89
N GLN A 163 -9.75 16.24 1.39
CA GLN A 163 -10.09 17.57 1.90
C GLN A 163 -10.11 18.64 0.82
N GLY A 164 -9.71 18.28 -0.40
CA GLY A 164 -9.70 19.24 -1.49
C GLY A 164 -8.55 20.24 -1.36
N GLN A 165 -7.54 19.85 -0.59
CA GLN A 165 -6.37 20.68 -0.39
C GLN A 165 -5.28 20.36 -1.41
N VAL A 166 -5.65 20.44 -2.68
CA VAL A 166 -4.76 20.19 -3.79
C VAL A 166 -5.20 21.20 -4.86
N PRO A 167 -4.35 21.46 -5.87
CA PRO A 167 -4.70 22.47 -6.88
C PRO A 167 -6.00 22.09 -7.57
N TYR A 168 -6.83 23.11 -7.81
CA TYR A 168 -8.17 23.00 -8.39
C TYR A 168 -9.23 22.56 -7.39
N GLY A 169 -8.80 22.35 -6.15
CA GLY A 169 -9.73 22.11 -5.05
C GLY A 169 -10.34 20.73 -5.03
N SER A 170 -11.50 20.64 -4.39
CA SER A 170 -12.22 19.39 -4.17
C SER A 170 -12.67 18.73 -5.48
N TRP A 171 -12.23 17.49 -5.69
CA TRP A 171 -12.66 16.72 -6.86
C TRP A 171 -14.18 16.53 -6.77
N TYR A 172 -14.66 16.32 -5.54
CA TYR A 172 -16.08 16.08 -5.27
C TYR A 172 -16.94 17.22 -5.75
N LYS A 173 -16.56 18.44 -5.39
CA LYS A 173 -17.36 19.61 -5.81
C LYS A 173 -17.23 19.86 -7.30
N HIS A 174 -16.03 19.62 -7.82
CA HIS A 174 -15.73 19.80 -9.24
C HIS A 174 -16.66 18.96 -10.12
N VAL A 175 -16.65 17.65 -9.92
CA VAL A 175 -17.47 16.77 -10.75
C VAL A 175 -18.97 17.01 -10.53
N LYS A 176 -19.37 17.28 -9.29
CA LYS A 176 -20.79 17.52 -9.00
C LYS A 176 -21.29 18.81 -9.65
N SER A 177 -20.47 19.86 -9.60
CA SER A 177 -20.87 21.12 -10.23
C SER A 177 -20.97 20.99 -11.74
N TRP A 178 -19.97 20.35 -12.36
CA TRP A 178 -20.01 20.14 -13.80
C TRP A 178 -21.13 19.18 -14.23
N TRP A 179 -21.50 18.26 -13.35
CA TRP A 179 -22.61 17.35 -13.64
C TRP A 179 -23.92 18.14 -13.78
N GLU A 180 -24.11 19.14 -12.94
CA GLU A 180 -25.27 20.02 -13.06
C GLU A 180 -25.26 20.82 -14.35
N LYS A 181 -24.09 21.29 -14.76
CA LYS A 181 -23.92 21.99 -16.03
C LYS A 181 -24.15 21.06 -17.21
N GLY A 182 -23.80 19.79 -17.02
CA GLY A 182 -23.88 18.80 -18.08
C GLY A 182 -25.30 18.50 -18.53
N LYS A 183 -26.27 19.09 -17.85
CA LYS A 183 -27.67 18.94 -18.22
C LYS A 183 -28.03 19.89 -19.37
N SER A 184 -27.23 20.93 -19.55
CA SER A 184 -27.37 21.85 -20.68
C SER A 184 -27.03 21.11 -21.97
N PRO A 185 -27.70 21.47 -23.08
CA PRO A 185 -27.40 20.76 -24.32
C PRO A 185 -26.01 21.14 -24.87
N ARG A 186 -25.47 22.26 -24.39
CA ARG A 186 -24.18 22.75 -24.86
C ARG A 186 -22.99 22.08 -24.14
N VAL A 187 -23.28 21.28 -23.12
CA VAL A 187 -22.24 20.64 -22.32
C VAL A 187 -22.27 19.12 -22.41
N LEU A 188 -21.26 18.50 -23.04
CA LEU A 188 -21.21 17.04 -23.12
C LEU A 188 -20.41 16.47 -21.95
N PHE A 189 -21.01 15.58 -21.18
CA PHE A 189 -20.42 15.05 -19.94
C PHE A 189 -19.96 13.61 -20.16
N LEU A 190 -18.65 13.39 -20.08
CA LEU A 190 -18.06 12.08 -20.38
C LEU A 190 -17.31 11.48 -19.20
N PHE A 191 -17.13 10.16 -19.23
CA PHE A 191 -16.39 9.41 -18.21
C PHE A 191 -15.21 8.68 -18.83
N TYR A 192 -14.06 8.82 -18.20
CA TYR A 192 -12.83 8.12 -18.60
C TYR A 192 -13.07 6.62 -18.74
N GLU A 193 -13.82 6.07 -17.80
CA GLU A 193 -14.05 4.63 -17.80
C GLU A 193 -14.92 4.20 -18.99
N ASP A 194 -15.78 5.10 -19.48
CA ASP A 194 -16.54 4.84 -20.69
C ASP A 194 -15.65 4.85 -21.94
N LEU A 195 -14.68 5.77 -21.98
CA LEU A 195 -13.69 5.78 -23.06
C LEU A 195 -12.84 4.50 -23.07
N LYS A 196 -12.53 3.97 -21.88
CA LYS A 196 -11.80 2.70 -21.77
C LYS A 196 -12.65 1.52 -22.25
N GLU A 197 -13.91 1.50 -21.83
CA GLU A 197 -14.79 0.36 -22.08
C GLU A 197 -15.23 0.23 -23.54
N ASP A 198 -15.57 1.34 -24.16
CA ASP A 198 -16.05 1.33 -25.54
C ASP A 198 -15.66 2.62 -26.22
N ILE A 199 -14.41 2.69 -26.66
CA ILE A 199 -13.89 3.89 -27.27
C ILE A 199 -14.67 4.31 -28.52
N ARG A 200 -15.12 3.34 -29.31
CA ARG A 200 -15.84 3.67 -30.53
C ARG A 200 -17.15 4.40 -30.24
N LYS A 201 -17.88 3.93 -29.23
CA LYS A 201 -19.13 4.55 -28.81
C LYS A 201 -18.89 6.03 -28.41
N GLU A 202 -17.85 6.28 -27.64
CA GLU A 202 -17.60 7.63 -27.16
C GLU A 202 -17.10 8.57 -28.27
N VAL A 203 -16.26 8.05 -29.16
CA VAL A 203 -15.78 8.83 -30.31
C VAL A 203 -16.95 9.27 -31.21
N ILE A 204 -17.83 8.33 -31.52
CA ILE A 204 -19.02 8.61 -32.33
C ILE A 204 -19.90 9.66 -31.64
N LYS A 205 -20.07 9.52 -30.33
CA LYS A 205 -20.80 10.54 -29.55
C LYS A 205 -20.16 11.91 -29.70
N LEU A 206 -18.82 11.94 -29.65
CA LEU A 206 -18.08 13.19 -29.75
C LEU A 206 -18.22 13.84 -31.13
N ILE A 207 -18.11 13.02 -32.17
CA ILE A 207 -18.31 13.48 -33.54
C ILE A 207 -19.68 14.14 -33.76
N HIS A 208 -20.74 13.50 -33.28
CA HIS A 208 -22.08 14.05 -33.41
C HIS A 208 -22.24 15.35 -32.61
N PHE A 209 -21.70 15.38 -31.40
CA PHE A 209 -21.76 16.58 -30.57
C PHE A 209 -21.07 17.74 -31.25
N LEU A 210 -20.02 17.45 -32.00
CA LEU A 210 -19.25 18.48 -32.65
C LEU A 210 -19.79 18.77 -34.07
N GLU A 211 -20.94 18.17 -34.39
CA GLU A 211 -21.62 18.41 -35.66
C GLU A 211 -20.78 18.07 -36.90
N ARG A 212 -20.06 16.96 -36.84
CA ARG A 212 -19.32 16.46 -37.99
C ARG A 212 -19.81 15.06 -38.36
N LYS A 213 -19.31 14.51 -39.46
CA LYS A 213 -19.84 13.26 -40.00
C LYS A 213 -18.97 12.06 -39.62
N PRO A 214 -19.59 11.02 -39.02
CA PRO A 214 -18.85 9.88 -38.46
C PRO A 214 -18.64 8.71 -39.42
N SER A 215 -17.66 8.79 -40.31
CA SER A 215 -17.38 7.66 -41.20
C SER A 215 -16.56 6.60 -40.47
N GLU A 216 -16.62 5.37 -40.96
CA GLU A 216 -15.84 4.29 -40.35
C GLU A 216 -14.34 4.57 -40.41
N GLU A 217 -13.88 5.14 -41.53
CA GLU A 217 -12.45 5.38 -41.71
C GLU A 217 -11.94 6.47 -40.77
N LEU A 218 -12.75 7.50 -40.56
CA LEU A 218 -12.38 8.56 -39.63
C LEU A 218 -12.34 7.99 -38.22
N VAL A 219 -13.39 7.26 -37.88
CA VAL A 219 -13.49 6.70 -36.54
C VAL A 219 -12.35 5.71 -36.25
N ASP A 220 -12.00 4.90 -37.24
CA ASP A 220 -10.88 3.97 -37.09
C ASP A 220 -9.53 4.70 -36.94
N ARG A 221 -9.35 5.79 -37.68
CA ARG A 221 -8.10 6.56 -37.57
C ARG A 221 -7.96 7.19 -36.18
N ILE A 222 -9.04 7.74 -35.67
CA ILE A 222 -9.06 8.31 -34.33
C ILE A 222 -8.74 7.27 -33.26
N ILE A 223 -9.38 6.11 -33.36
CA ILE A 223 -9.25 5.07 -32.35
C ILE A 223 -7.81 4.60 -32.21
N HIS A 224 -7.12 4.37 -33.32
CA HIS A 224 -5.76 3.87 -33.19
C HIS A 224 -4.76 5.00 -32.89
N HIS A 225 -4.99 6.18 -33.45
CA HIS A 225 -4.14 7.34 -33.16
C HIS A 225 -4.19 7.75 -31.67
N THR A 226 -5.37 7.63 -31.05
CA THR A 226 -5.52 8.06 -29.65
C THR A 226 -5.44 6.93 -28.62
N SER A 227 -5.07 5.73 -29.06
CA SER A 227 -4.83 4.65 -28.12
C SER A 227 -3.65 4.98 -27.21
N PHE A 228 -3.65 4.44 -25.99
CA PHE A 228 -2.60 4.76 -25.03
C PHE A 228 -1.19 4.45 -25.57
N GLN A 229 -1.02 3.29 -26.20
CA GLN A 229 0.31 2.92 -26.69
C GLN A 229 0.84 3.90 -27.74
N GLU A 230 -0.05 4.41 -28.59
N GLU A 230 -0.05 4.40 -28.58
CA GLU A 230 0.37 5.41 -29.56
CA GLU A 230 0.32 5.40 -29.56
C GLU A 230 0.70 6.74 -28.92
C GLU A 230 0.69 6.73 -28.91
N MET A 231 -0.19 7.21 -28.03
CA MET A 231 -0.02 8.52 -27.45
C MET A 231 1.22 8.54 -26.56
N LYS A 232 1.50 7.39 -25.92
CA LYS A 232 2.67 7.28 -25.06
C LYS A 232 3.96 7.52 -25.81
N ASN A 233 3.99 7.12 -27.07
CA ASN A 233 5.21 7.20 -27.86
C ASN A 233 5.21 8.39 -28.81
N ASN A 234 4.12 9.14 -28.81
CA ASN A 234 4.00 10.33 -29.65
C ASN A 234 4.49 11.54 -28.86
N PRO A 235 5.63 12.13 -29.30
CA PRO A 235 6.22 13.31 -28.62
C PRO A 235 5.34 14.57 -28.72
N SER A 236 4.35 14.56 -29.60
CA SER A 236 3.41 15.67 -29.65
C SER A 236 2.43 15.63 -28.48
N THR A 237 2.22 14.43 -27.93
CA THR A 237 1.20 14.25 -26.91
C THR A 237 1.69 13.78 -25.54
N ASN A 238 2.96 13.38 -25.43
CA ASN A 238 3.44 12.77 -24.19
C ASN A 238 4.27 13.69 -23.29
N TYR A 239 4.35 14.96 -23.68
CA TYR A 239 5.00 16.01 -22.88
C TYR A 239 6.50 15.87 -22.75
N THR A 240 7.09 14.93 -23.50
CA THR A 240 8.53 14.70 -23.39
C THR A 240 9.41 15.80 -23.98
N THR A 241 8.82 16.73 -24.74
CA THR A 241 9.60 17.85 -25.23
C THR A 241 9.84 18.84 -24.09
N LEU A 242 9.11 18.68 -23.00
CA LEU A 242 9.38 19.51 -21.82
C LEU A 242 10.65 19.03 -21.12
N PRO A 243 11.46 19.99 -20.64
CA PRO A 243 12.70 19.64 -19.95
C PRO A 243 12.44 18.95 -18.61
N ASP A 244 13.41 18.19 -18.12
CA ASP A 244 13.28 17.41 -16.89
C ASP A 244 13.00 18.28 -15.66
N GLU A 245 13.46 19.53 -15.67
CA GLU A 245 13.25 20.40 -14.52
C GLU A 245 11.81 20.94 -14.45
N ILE A 246 11.02 20.65 -15.48
CA ILE A 246 9.59 20.95 -15.47
C ILE A 246 8.76 19.68 -15.28
N MET A 247 8.99 18.69 -16.13
CA MET A 247 8.44 17.35 -15.93
C MET A 247 9.57 16.33 -15.98
N ASN A 248 9.89 15.74 -14.83
CA ASN A 248 10.93 14.73 -14.79
C ASN A 248 10.34 13.36 -15.06
N GLN A 249 10.23 13.02 -16.34
CA GLN A 249 9.52 11.79 -16.71
C GLN A 249 10.33 10.53 -16.44
N LYS A 250 11.59 10.69 -16.03
CA LYS A 250 12.38 9.56 -15.55
C LYS A 250 11.84 9.07 -14.20
N LEU A 251 11.32 9.99 -13.39
CA LEU A 251 10.64 9.60 -12.15
C LEU A 251 9.35 8.88 -12.47
N SER A 252 8.52 9.53 -13.30
CA SER A 252 7.21 9.01 -13.64
C SER A 252 6.77 9.64 -14.95
N PRO A 253 6.44 8.81 -15.94
CA PRO A 253 6.05 9.38 -17.24
C PRO A 253 4.66 9.97 -17.19
N PHE A 254 4.41 10.96 -18.05
CA PHE A 254 3.07 11.56 -18.12
C PHE A 254 2.05 10.51 -18.54
N MET A 255 2.37 9.77 -19.61
CA MET A 255 1.59 8.62 -20.02
C MET A 255 2.06 7.46 -19.17
N ARG A 256 1.44 7.29 -18.00
CA ARG A 256 1.95 6.41 -16.96
C ARG A 256 1.50 4.96 -17.10
N LYS A 257 0.20 4.71 -17.00
CA LYS A 257 -0.30 3.34 -17.14
C LYS A 257 -1.51 3.29 -18.04
N GLY A 258 -2.41 4.27 -17.87
CA GLY A 258 -3.53 4.40 -18.77
C GLY A 258 -4.63 3.36 -18.58
N ILE A 259 -4.80 2.92 -17.34
CA ILE A 259 -5.82 1.92 -17.05
C ILE A 259 -6.87 2.46 -16.08
N THR A 260 -7.94 1.69 -15.93
CA THR A 260 -8.89 1.93 -14.86
C THR A 260 -8.64 0.87 -13.81
N GLY A 261 -8.51 1.30 -12.55
CA GLY A 261 -8.27 0.37 -11.46
C GLY A 261 -6.87 0.34 -10.87
N ASP A 262 -6.02 1.30 -11.21
CA ASP A 262 -4.69 1.31 -10.62
C ASP A 262 -4.79 1.60 -9.12
N TRP A 263 -5.94 2.12 -8.69
CA TRP A 263 -6.13 2.38 -7.26
C TRP A 263 -5.93 1.11 -6.43
N LYS A 264 -6.29 -0.02 -7.02
CA LYS A 264 -6.14 -1.32 -6.35
C LYS A 264 -4.69 -1.65 -5.99
N ASN A 265 -3.76 -1.07 -6.73
CA ASN A 265 -2.34 -1.25 -6.48
C ASN A 265 -1.75 -0.20 -5.56
N HIS A 266 -2.60 0.64 -4.98
CA HIS A 266 -2.10 1.74 -4.14
C HIS A 266 -2.82 1.90 -2.81
N PHE A 267 -4.14 1.80 -2.83
CA PHE A 267 -4.90 1.91 -1.60
C PHE A 267 -4.73 0.67 -0.73
N THR A 268 -4.41 0.85 0.55
CA THR A 268 -4.46 -0.28 1.48
C THR A 268 -5.89 -0.50 1.85
N GLU A 269 -6.15 -1.60 2.55
CA GLU A 269 -7.49 -1.93 2.95
C GLU A 269 -8.05 -0.86 3.90
N ALA A 270 -7.21 -0.38 4.81
CA ALA A 270 -7.64 0.65 5.76
C ALA A 270 -7.90 1.98 5.06
N LEU A 271 -7.02 2.35 4.13
CA LEU A 271 -7.17 3.62 3.41
C LEU A 271 -8.41 3.57 2.52
N ASN A 272 -8.64 2.41 1.90
CA ASN A 272 -9.80 2.22 1.06
C ASN A 272 -11.08 2.36 1.87
N GLU A 273 -11.12 1.77 3.06
CA GLU A 273 -12.27 1.91 3.95
C GLU A 273 -12.53 3.36 4.36
N LYS A 274 -11.47 4.06 4.75
CA LYS A 274 -11.57 5.46 5.12
C LYS A 274 -12.06 6.30 3.95
N PHE A 275 -11.46 6.09 2.78
CA PHE A 275 -11.83 6.85 1.57
C PHE A 275 -13.28 6.61 1.17
N ASP A 276 -13.69 5.35 1.16
CA ASP A 276 -15.02 4.95 0.70
C ASP A 276 -16.11 5.56 1.56
N LYS A 277 -15.87 5.58 2.86
CA LYS A 277 -16.84 6.13 3.80
C LYS A 277 -17.01 7.64 3.60
N HIS A 278 -15.89 8.34 3.47
CA HIS A 278 -15.85 9.78 3.19
C HIS A 278 -16.52 10.10 1.84
N TYR A 279 -16.21 9.28 0.85
CA TYR A 279 -16.76 9.44 -0.49
C TYR A 279 -18.29 9.37 -0.48
N GLU A 280 -18.83 8.40 0.24
CA GLU A 280 -20.28 8.25 0.31
C GLU A 280 -20.92 9.48 0.93
N GLN A 281 -20.27 10.05 1.94
CA GLN A 281 -20.80 11.27 2.55
C GLN A 281 -20.78 12.44 1.56
N GLN A 282 -19.72 12.54 0.77
CA GLN A 282 -19.60 13.64 -0.17
C GLN A 282 -20.55 13.50 -1.36
N MET A 283 -20.85 12.27 -1.74
CA MET A 283 -21.49 12.02 -3.02
C MET A 283 -22.92 11.49 -2.96
N LYS A 284 -23.41 11.17 -1.75
CA LYS A 284 -24.71 10.49 -1.65
C LYS A 284 -25.89 11.30 -2.21
N GLU A 285 -25.78 12.61 -2.19
CA GLU A 285 -26.87 13.45 -2.67
C GLU A 285 -26.68 13.81 -4.15
N SER A 286 -25.99 12.95 -4.88
CA SER A 286 -25.77 13.18 -6.30
C SER A 286 -26.25 12.00 -7.11
N THR A 287 -26.81 12.28 -8.28
CA THR A 287 -27.22 11.22 -9.19
C THR A 287 -26.05 10.80 -10.07
N LEU A 288 -24.94 11.52 -9.96
CA LEU A 288 -23.70 11.16 -10.66
C LEU A 288 -23.14 9.86 -10.08
N LYS A 289 -22.90 8.87 -10.94
CA LYS A 289 -22.34 7.60 -10.49
C LYS A 289 -21.08 7.23 -11.29
N PHE A 290 -20.05 6.79 -10.56
CA PHE A 290 -18.78 6.39 -11.16
C PHE A 290 -18.53 4.91 -11.05
N ARG A 291 -17.72 4.39 -11.96
CA ARG A 291 -17.23 3.02 -11.87
C ARG A 291 -15.75 3.00 -11.50
N THR A 292 -15.37 2.09 -10.61
CA THR A 292 -13.98 1.99 -10.17
C THR A 292 -13.30 0.78 -10.81
N GLU A 293 -14.08 0.02 -11.58
CA GLU A 293 -13.60 -1.10 -12.38
C GLU A 293 -14.62 -1.37 -13.50
N ASN B 2 22.64 -9.07 -8.97
CA ASN B 2 21.19 -9.11 -8.78
C ASN B 2 20.82 -9.12 -7.29
N SER B 3 19.53 -8.97 -7.01
CA SER B 3 19.04 -8.92 -5.64
C SER B 3 18.67 -10.31 -5.13
N GLU B 4 18.14 -11.15 -6.02
CA GLU B 4 17.80 -12.52 -5.68
C GLU B 4 19.02 -13.28 -5.17
N LEU B 5 20.15 -13.08 -5.84
CA LEU B 5 21.40 -13.72 -5.44
C LEU B 5 21.81 -13.24 -4.05
N ASP B 6 21.71 -11.94 -3.82
CA ASP B 6 22.04 -11.35 -2.52
C ASP B 6 21.04 -11.79 -1.46
N TYR B 7 19.78 -11.99 -1.87
CA TYR B 7 18.73 -12.42 -0.96
C TYR B 7 19.09 -13.76 -0.33
N TYR B 8 19.44 -14.73 -1.16
CA TYR B 8 19.65 -16.10 -0.69
C TYR B 8 21.04 -16.36 -0.10
N GLU B 9 21.94 -15.39 -0.21
CA GLU B 9 23.29 -15.53 0.33
C GLU B 9 23.25 -15.64 1.84
N LYS B 10 22.22 -15.08 2.45
CA LYS B 10 22.11 -15.05 3.91
C LYS B 10 21.66 -16.40 4.46
N PHE B 11 21.14 -17.24 3.59
CA PHE B 11 20.42 -18.43 4.01
C PHE B 11 21.03 -19.70 3.46
N GLU B 12 20.88 -20.78 4.21
CA GLU B 12 21.19 -22.12 3.74
C GLU B 12 19.99 -23.00 4.06
N GLU B 13 19.73 -23.99 3.23
CA GLU B 13 18.64 -24.92 3.48
C GLU B 13 19.06 -26.04 4.40
N VAL B 14 18.18 -26.40 5.33
CA VAL B 14 18.37 -27.62 6.10
C VAL B 14 17.09 -28.44 6.02
N HIS B 15 17.21 -29.69 5.58
CA HIS B 15 16.05 -30.55 5.36
C HIS B 15 14.93 -29.90 4.56
N GLY B 16 15.27 -29.03 3.61
CA GLY B 16 14.27 -28.41 2.75
C GLY B 16 13.68 -27.07 3.19
N ILE B 17 14.11 -26.53 4.32
CA ILE B 17 13.70 -25.16 4.65
C ILE B 17 14.88 -24.19 4.71
N LEU B 18 14.67 -22.98 4.21
CA LEU B 18 15.66 -21.92 4.36
C LEU B 18 15.91 -21.68 5.84
N MET B 19 17.17 -21.40 6.15
CA MET B 19 17.58 -21.20 7.52
C MET B 19 18.74 -20.22 7.58
N TYR B 20 18.80 -19.44 8.64
CA TYR B 20 19.92 -18.55 8.90
C TYR B 20 21.24 -19.33 8.82
N LYS B 21 22.14 -18.86 7.97
CA LYS B 21 23.37 -19.61 7.69
C LYS B 21 24.15 -19.95 8.94
N ASP B 22 24.19 -19.01 9.89
CA ASP B 22 24.90 -19.23 11.15
C ASP B 22 24.39 -20.45 11.91
N PHE B 23 23.08 -20.71 11.84
CA PHE B 23 22.49 -21.83 12.59
C PHE B 23 22.89 -23.16 11.97
N VAL B 24 22.95 -23.19 10.64
CA VAL B 24 23.11 -24.42 9.88
C VAL B 24 24.47 -25.06 10.13
N LYS B 25 25.48 -24.22 10.37
CA LYS B 25 26.83 -24.72 10.60
C LYS B 25 26.90 -25.63 11.82
N TYR B 26 25.96 -25.49 12.73
CA TYR B 26 25.98 -26.21 14.00
C TYR B 26 24.81 -27.17 14.13
N TRP B 27 24.17 -27.47 13.02
CA TRP B 27 22.89 -28.18 13.06
C TRP B 27 22.92 -29.56 13.68
N ASP B 28 24.05 -30.26 13.57
CA ASP B 28 24.15 -31.59 14.16
C ASP B 28 23.91 -31.55 15.66
N ASN B 29 24.32 -30.47 16.31
CA ASN B 29 24.09 -30.31 17.74
C ASN B 29 22.62 -30.23 18.09
N VAL B 30 21.85 -29.62 17.18
CA VAL B 30 20.42 -29.47 17.37
C VAL B 30 19.75 -30.83 17.23
N GLU B 31 20.08 -31.52 16.14
CA GLU B 31 19.49 -32.81 15.90
C GLU B 31 19.82 -33.82 17.00
N ALA B 32 20.97 -33.67 17.65
CA ALA B 32 21.37 -34.60 18.70
C ALA B 32 21.00 -34.11 20.11
N PHE B 33 20.26 -33.00 20.18
CA PHE B 33 19.88 -32.44 21.48
C PHE B 33 19.18 -33.48 22.33
N GLN B 34 19.56 -33.53 23.60
CA GLN B 34 19.00 -34.48 24.54
C GLN B 34 17.94 -33.81 25.40
N ALA B 35 16.69 -34.18 25.19
CA ALA B 35 15.62 -33.57 25.97
C ALA B 35 15.49 -34.31 27.29
N ARG B 36 14.84 -33.66 28.25
CA ARG B 36 14.44 -34.32 29.48
C ARG B 36 12.92 -34.36 29.53
N PRO B 37 12.34 -35.32 30.26
CA PRO B 37 10.89 -35.48 30.22
C PRO B 37 10.10 -34.29 30.75
N ASP B 38 10.71 -33.44 31.54
CA ASP B 38 9.97 -32.29 32.04
C ASP B 38 10.32 -30.98 31.33
N ASP B 39 10.99 -31.09 30.18
CA ASP B 39 11.19 -29.92 29.33
C ASP B 39 9.83 -29.45 28.81
N LEU B 40 9.68 -28.14 28.68
CA LEU B 40 8.52 -27.57 28.03
C LEU B 40 8.99 -26.86 26.75
N VAL B 41 8.42 -27.26 25.61
CA VAL B 41 8.80 -26.59 24.36
C VAL B 41 7.76 -25.54 24.03
N ILE B 42 8.22 -24.34 23.68
CA ILE B 42 7.34 -23.30 23.13
C ILE B 42 7.74 -23.15 21.67
N ALA B 43 6.83 -23.51 20.79
CA ALA B 43 7.12 -23.51 19.35
C ALA B 43 6.21 -22.52 18.58
N THR B 44 6.80 -21.75 17.66
CA THR B 44 6.05 -20.80 16.87
C THR B 44 6.69 -20.63 15.50
N TYR B 45 5.90 -20.24 14.51
CA TYR B 45 6.51 -19.65 13.32
C TYR B 45 6.99 -18.25 13.74
N PRO B 46 8.07 -17.75 13.11
CA PRO B 46 8.57 -16.43 13.51
C PRO B 46 7.48 -15.34 13.50
N LYS B 47 7.54 -14.46 14.52
CA LYS B 47 6.76 -13.22 14.60
C LYS B 47 5.29 -13.45 14.91
N SER B 48 5.01 -14.57 15.57
CA SER B 48 3.66 -14.96 15.92
C SER B 48 3.29 -14.70 17.39
N GLY B 49 4.21 -14.09 18.14
CA GLY B 49 3.97 -13.80 19.53
C GLY B 49 4.78 -14.66 20.50
N THR B 50 5.91 -15.19 20.04
CA THR B 50 6.72 -16.10 20.85
C THR B 50 7.13 -15.43 22.17
N THR B 51 7.56 -14.20 22.07
CA THR B 51 8.07 -13.51 23.26
C THR B 51 6.95 -13.30 24.28
N TRP B 52 5.78 -12.95 23.79
CA TRP B 52 4.59 -12.80 24.64
C TRP B 52 4.28 -14.08 25.41
N VAL B 53 4.06 -15.18 24.69
CA VAL B 53 3.65 -16.40 25.38
C VAL B 53 4.78 -16.99 26.24
N SER B 54 6.02 -16.74 25.85
CA SER B 54 7.18 -17.15 26.67
C SER B 54 7.16 -16.48 28.03
N GLU B 55 6.86 -15.19 28.04
CA GLU B 55 6.87 -14.44 29.29
C GLU B 55 5.70 -14.85 30.17
N ILE B 56 4.55 -15.12 29.55
CA ILE B 56 3.42 -15.65 30.29
C ILE B 56 3.81 -16.95 31.01
N VAL B 57 4.38 -17.88 30.25
CA VAL B 57 4.79 -19.17 30.77
C VAL B 57 5.82 -19.03 31.87
N TYR B 58 6.80 -18.16 31.66
CA TYR B 58 7.83 -17.95 32.67
C TYR B 58 7.25 -17.43 33.99
N MET B 59 6.25 -16.56 33.90
CA MET B 59 5.62 -15.99 35.09
C MET B 59 4.86 -17.08 35.83
N ILE B 60 4.29 -18.00 35.06
CA ILE B 60 3.59 -19.12 35.62
C ILE B 60 4.55 -20.05 36.37
N TYR B 61 5.71 -20.29 35.78
CA TYR B 61 6.72 -21.12 36.43
C TYR B 61 7.21 -20.48 37.73
N LYS B 62 7.32 -19.16 37.70
CA LYS B 62 7.84 -18.42 38.84
C LYS B 62 6.73 -17.92 39.75
N GLU B 63 5.57 -18.56 39.64
CA GLU B 63 4.38 -18.19 40.40
C GLU B 63 4.13 -16.68 40.49
N GLY B 64 4.41 -15.98 39.39
CA GLY B 64 4.04 -14.57 39.27
C GLY B 64 5.04 -13.61 39.89
N ASP B 65 6.23 -14.11 40.19
CA ASP B 65 7.27 -13.28 40.79
C ASP B 65 7.94 -12.42 39.73
N VAL B 66 7.52 -11.16 39.65
CA VAL B 66 8.00 -10.25 38.62
C VAL B 66 9.51 -10.07 38.67
N GLU B 67 10.05 -10.02 39.88
CA GLU B 67 11.48 -9.77 40.06
C GLU B 67 12.33 -10.95 39.58
N LYS B 68 11.83 -12.17 39.80
CA LYS B 68 12.46 -13.36 39.23
C LYS B 68 12.49 -13.31 37.70
N CYS B 69 11.44 -12.74 37.10
CA CYS B 69 11.35 -12.68 35.65
C CYS B 69 12.31 -11.66 35.05
N LYS B 70 12.63 -10.63 35.83
CA LYS B 70 13.53 -9.57 35.35
C LYS B 70 15.00 -9.80 35.71
N GLU B 71 15.29 -10.92 36.36
CA GLU B 71 16.67 -11.23 36.79
C GLU B 71 17.65 -11.33 35.63
N ASP B 72 17.18 -11.86 34.51
CA ASP B 72 18.00 -12.02 33.31
C ASP B 72 17.11 -11.79 32.09
N VAL B 73 17.73 -11.52 30.94
CA VAL B 73 16.99 -11.26 29.71
C VAL B 73 16.29 -12.53 29.23
N ILE B 74 15.19 -12.37 28.49
CA ILE B 74 14.32 -13.51 28.17
C ILE B 74 15.03 -14.59 27.37
N PHE B 75 15.97 -14.20 26.50
CA PHE B 75 16.67 -15.19 25.69
C PHE B 75 17.77 -15.94 26.45
N ASN B 76 17.96 -15.59 27.72
CA ASN B 76 18.81 -16.39 28.60
C ASN B 76 17.95 -17.23 29.53
N ARG B 77 16.80 -16.69 29.92
CA ARG B 77 15.88 -17.43 30.78
C ARG B 77 15.23 -18.58 30.02
N ILE B 78 14.95 -18.34 28.74
CA ILE B 78 14.30 -19.30 27.86
C ILE B 78 15.13 -19.39 26.58
N PRO B 79 16.09 -20.33 26.55
CA PRO B 79 17.03 -20.43 25.43
C PRO B 79 16.38 -20.81 24.11
N PHE B 80 16.89 -20.19 23.05
CA PHE B 80 16.45 -20.38 21.69
C PHE B 80 17.21 -21.58 21.12
N LEU B 81 16.58 -22.76 21.22
CA LEU B 81 17.18 -24.06 20.90
C LEU B 81 18.15 -24.10 19.70
N GLU B 82 17.67 -23.75 18.50
CA GLU B 82 18.48 -23.97 17.30
C GLU B 82 19.39 -22.78 17.02
N CYS B 83 19.34 -21.76 17.87
CA CYS B 83 20.10 -20.54 17.62
C CYS B 83 21.53 -20.68 18.12
N ARG B 84 22.50 -20.30 17.29
CA ARG B 84 23.89 -20.24 17.71
C ARG B 84 24.63 -19.25 16.83
N LYS B 85 25.50 -18.44 17.45
CA LYS B 85 26.28 -17.42 16.76
C LYS B 85 27.47 -16.95 17.61
N GLU B 86 28.68 -17.18 17.12
CA GLU B 86 29.90 -16.45 17.57
C GLU B 86 30.11 -16.33 19.07
N ASN B 87 29.44 -15.35 19.67
CA ASN B 87 29.46 -15.14 21.11
C ASN B 87 28.08 -14.70 21.56
N LEU B 88 27.24 -14.38 20.58
CA LEU B 88 25.92 -13.84 20.87
C LEU B 88 25.05 -14.86 21.60
N MET B 89 25.06 -16.11 21.13
CA MET B 89 24.15 -17.11 21.68
C MET B 89 24.54 -18.52 21.30
N ASN B 90 24.10 -19.47 22.11
CA ASN B 90 24.29 -20.88 21.82
C ASN B 90 23.20 -21.63 22.58
N GLY B 91 22.05 -21.81 21.95
CA GLY B 91 20.89 -22.34 22.66
C GLY B 91 21.14 -23.72 23.22
N VAL B 92 21.83 -24.55 22.45
CA VAL B 92 22.02 -25.92 22.87
C VAL B 92 22.89 -25.99 24.14
N LYS B 93 23.95 -25.20 24.16
CA LYS B 93 24.81 -25.05 25.34
C LYS B 93 24.04 -24.50 26.54
N GLN B 94 23.29 -23.43 26.33
CA GLN B 94 22.53 -22.83 27.41
C GLN B 94 21.63 -23.86 28.04
N LEU B 95 21.01 -24.69 27.20
CA LEU B 95 20.09 -25.71 27.67
C LEU B 95 20.79 -26.88 28.35
N ASP B 96 21.90 -27.34 27.76
CA ASP B 96 22.67 -28.43 28.35
C ASP B 96 23.11 -28.08 29.77
N GLU B 97 23.45 -26.81 29.99
CA GLU B 97 24.00 -26.38 31.27
C GLU B 97 22.93 -25.90 32.25
N MET B 98 21.67 -26.10 31.90
CA MET B 98 20.56 -25.58 32.67
C MET B 98 19.90 -26.64 33.52
N ASN B 99 19.55 -26.26 34.75
CA ASN B 99 18.77 -27.11 35.64
C ASN B 99 17.32 -27.21 35.18
N SER B 100 16.72 -28.38 35.40
CA SER B 100 15.31 -28.58 35.10
C SER B 100 14.49 -27.87 36.16
N PRO B 101 13.22 -27.51 35.83
CA PRO B 101 12.56 -27.67 34.54
C PRO B 101 13.02 -26.62 33.51
N ARG B 102 13.29 -27.07 32.29
CA ARG B 102 13.78 -26.17 31.25
C ARG B 102 12.64 -25.73 30.35
N ILE B 103 12.64 -24.46 29.97
CA ILE B 103 11.74 -23.96 28.93
C ILE B 103 12.53 -23.68 27.66
N VAL B 104 12.13 -24.33 26.58
CA VAL B 104 12.86 -24.30 25.32
C VAL B 104 12.08 -23.54 24.26
N LYS B 105 12.69 -22.50 23.68
CA LYS B 105 12.05 -21.79 22.57
C LYS B 105 12.56 -22.33 21.24
N THR B 106 11.65 -22.53 20.29
CA THR B 106 12.02 -22.99 18.97
C THR B 106 11.06 -22.43 17.91
N HIS B 107 11.54 -22.29 16.68
CA HIS B 107 10.65 -21.96 15.57
C HIS B 107 10.55 -23.13 14.59
N LEU B 108 11.04 -24.30 14.97
CA LEU B 108 11.11 -25.42 14.04
C LEU B 108 9.74 -26.00 13.74
N PRO B 109 9.53 -26.45 12.50
CA PRO B 109 8.39 -27.33 12.16
C PRO B 109 8.51 -28.64 12.92
N PRO B 110 7.39 -29.32 13.17
CA PRO B 110 7.46 -30.46 14.09
C PRO B 110 8.30 -31.60 13.53
N GLU B 111 8.36 -31.69 12.21
CA GLU B 111 9.17 -32.73 11.57
C GLU B 111 10.67 -32.54 11.83
N LEU B 112 11.05 -31.31 12.18
CA LEU B 112 12.45 -30.98 12.41
C LEU B 112 12.81 -30.80 13.88
N LEU B 113 11.82 -30.85 14.76
CA LEU B 113 12.10 -30.76 16.18
C LEU B 113 12.96 -31.97 16.56
N PRO B 114 14.01 -31.76 17.38
CA PRO B 114 14.88 -32.89 17.73
C PRO B 114 14.11 -34.10 18.24
N ALA B 115 14.46 -35.29 17.73
CA ALA B 115 13.71 -36.50 18.01
C ALA B 115 13.52 -36.78 19.49
N SER B 116 14.47 -36.33 20.31
CA SER B 116 14.41 -36.56 21.75
C SER B 116 13.15 -36.00 22.43
N PHE B 117 12.67 -34.86 21.95
CA PHE B 117 11.48 -34.23 22.52
C PHE B 117 10.25 -35.09 22.31
N TRP B 118 10.16 -35.73 21.15
CA TRP B 118 9.04 -36.61 20.86
C TRP B 118 9.17 -37.89 21.67
N GLU B 119 10.40 -38.36 21.83
CA GLU B 119 10.68 -39.59 22.58
C GLU B 119 10.38 -39.43 24.07
N LYS B 120 10.78 -38.30 24.65
CA LYS B 120 10.48 -38.01 26.05
C LYS B 120 9.02 -37.56 26.22
N ASP B 121 8.32 -37.41 25.09
CA ASP B 121 6.92 -37.00 25.07
C ASP B 121 6.66 -35.68 25.81
N CYS B 122 7.57 -34.72 25.62
CA CYS B 122 7.52 -33.46 26.34
C CYS B 122 6.27 -32.65 26.01
N LYS B 123 5.83 -31.84 26.97
CA LYS B 123 4.75 -30.90 26.72
C LYS B 123 5.22 -29.85 25.73
N ILE B 124 4.32 -29.45 24.84
CA ILE B 124 4.64 -28.41 23.86
C ILE B 124 3.48 -27.41 23.82
N ILE B 125 3.81 -26.13 23.77
CA ILE B 125 2.81 -25.11 23.46
C ILE B 125 3.14 -24.53 22.10
N TYR B 126 2.16 -24.53 21.19
CA TYR B 126 2.36 -23.92 19.88
C TYR B 126 1.49 -22.67 19.77
N LEU B 127 2.11 -21.56 19.37
CA LEU B 127 1.34 -20.35 19.16
C LEU B 127 1.38 -19.97 17.71
N CYS B 128 0.19 -19.62 17.23
N CYS B 128 0.22 -19.74 17.13
CA CYS B 128 -0.09 -19.35 15.84
CA CYS B 128 0.21 -19.26 15.76
C CYS B 128 -0.64 -17.94 15.69
C CYS B 128 -0.58 -17.97 15.67
N ARG B 129 -0.43 -17.31 14.54
CA ARG B 129 -0.95 -15.96 14.32
C ARG B 129 -1.36 -15.87 12.85
N ASN B 130 -2.32 -15.01 12.51
CA ASN B 130 -2.77 -14.98 11.12
C ASN B 130 -1.66 -14.59 10.16
N ALA B 131 -1.67 -15.21 8.98
CA ALA B 131 -0.51 -15.16 8.08
C ALA B 131 -0.14 -13.74 7.63
N LYS B 132 -1.15 -12.92 7.38
CA LYS B 132 -0.91 -11.57 6.90
C LYS B 132 -0.20 -10.73 7.95
N ASP B 133 -0.64 -10.82 9.20
CA ASP B 133 0.02 -10.09 10.27
C ASP B 133 1.41 -10.60 10.55
N VAL B 134 1.59 -11.92 10.45
CA VAL B 134 2.93 -12.50 10.55
C VAL B 134 3.84 -11.91 9.46
N ALA B 135 3.31 -11.80 8.25
CA ALA B 135 4.11 -11.31 7.12
C ALA B 135 4.52 -9.84 7.34
N VAL B 136 3.60 -9.01 7.85
CA VAL B 136 3.95 -7.62 8.18
C VAL B 136 5.05 -7.57 9.25
N SER B 137 4.83 -8.28 10.35
CA SER B 137 5.79 -8.32 11.44
C SER B 137 7.17 -8.88 10.99
N PHE B 138 7.17 -9.89 10.13
CA PHE B 138 8.40 -10.50 9.63
C PHE B 138 9.12 -9.53 8.71
N TYR B 139 8.35 -8.75 7.97
CA TYR B 139 8.92 -7.77 7.04
C TYR B 139 9.82 -6.78 7.78
N TYR B 140 9.32 -6.27 8.89
CA TYR B 140 10.06 -5.30 9.69
C TYR B 140 11.22 -5.92 10.45
N PHE B 141 11.06 -7.18 10.84
CA PHE B 141 12.15 -7.96 11.43
C PHE B 141 13.32 -8.06 10.44
N PHE B 142 13.02 -8.28 9.16
CA PHE B 142 14.05 -8.32 8.13
C PHE B 142 14.82 -6.99 8.07
N LEU B 143 14.09 -5.89 8.16
CA LEU B 143 14.72 -4.56 8.09
C LEU B 143 15.63 -4.23 9.28
N MET B 144 15.25 -4.70 10.48
CA MET B 144 15.92 -4.33 11.73
C MET B 144 17.06 -5.26 12.15
N VAL B 145 16.92 -6.54 11.83
CA VAL B 145 17.77 -7.58 12.45
C VAL B 145 18.88 -8.06 11.54
N ALA B 146 20.09 -8.15 12.10
CA ALA B 146 21.24 -8.69 11.39
C ALA B 146 20.99 -10.09 10.84
N GLY B 147 21.64 -10.41 9.72
CA GLY B 147 21.54 -11.74 9.14
C GLY B 147 20.40 -11.85 8.15
N HIS B 148 19.75 -10.72 7.87
CA HIS B 148 18.69 -10.69 6.88
C HIS B 148 19.14 -9.91 5.65
N PRO B 149 18.68 -10.34 4.48
CA PRO B 149 18.92 -9.58 3.25
C PRO B 149 17.92 -8.45 3.21
N ASN B 150 18.01 -7.60 2.19
CA ASN B 150 16.98 -6.61 1.98
C ASN B 150 15.71 -7.38 1.62
N PRO B 151 14.62 -7.17 2.37
CA PRO B 151 13.39 -7.92 2.09
C PRO B 151 12.70 -7.46 0.81
N GLY B 152 13.19 -6.37 0.22
CA GLY B 152 12.56 -5.80 -0.94
C GLY B 152 11.39 -4.92 -0.54
N SER B 153 10.58 -4.51 -1.51
CA SER B 153 9.34 -3.81 -1.19
C SER B 153 8.42 -4.78 -0.47
N PHE B 154 7.37 -4.25 0.16
CA PHE B 154 6.44 -5.13 0.87
C PHE B 154 5.80 -6.17 -0.05
N PRO B 155 5.33 -5.77 -1.25
CA PRO B 155 4.78 -6.79 -2.16
C PRO B 155 5.81 -7.85 -2.57
N GLU B 156 7.05 -7.45 -2.79
CA GLU B 156 8.08 -8.43 -3.15
C GLU B 156 8.30 -9.38 -1.97
N PHE B 157 8.31 -8.84 -0.76
CA PHE B 157 8.47 -9.69 0.43
C PHE B 157 7.30 -10.65 0.61
N VAL B 158 6.08 -10.17 0.36
CA VAL B 158 4.91 -11.02 0.52
C VAL B 158 4.98 -12.17 -0.49
N GLU B 159 5.57 -11.90 -1.65
CA GLU B 159 5.80 -12.96 -2.64
C GLU B 159 6.69 -14.06 -2.10
N LYS B 160 7.81 -13.68 -1.50
CA LYS B 160 8.72 -14.63 -0.86
C LYS B 160 7.99 -15.42 0.23
N PHE B 161 7.15 -14.72 0.98
CA PHE B 161 6.41 -15.32 2.09
C PHE B 161 5.45 -16.37 1.57
N MET B 162 4.67 -16.04 0.56
CA MET B 162 3.71 -16.98 0.01
C MET B 162 4.41 -18.25 -0.52
N GLN B 163 5.66 -18.09 -0.95
N GLN B 163 5.65 -18.08 -0.96
CA GLN B 163 6.41 -19.20 -1.52
CA GLN B 163 6.43 -19.18 -1.53
C GLN B 163 7.23 -19.94 -0.48
C GLN B 163 7.23 -19.94 -0.47
N GLY B 164 7.23 -19.44 0.75
CA GLY B 164 7.98 -20.09 1.81
C GLY B 164 9.48 -19.84 1.65
N GLN B 165 9.82 -18.82 0.86
CA GLN B 165 11.21 -18.45 0.65
C GLN B 165 11.69 -17.45 1.70
N VAL B 166 11.52 -17.82 2.96
CA VAL B 166 11.95 -17.01 4.10
C VAL B 166 12.45 -18.00 5.14
N PRO B 167 13.23 -17.53 6.13
CA PRO B 167 13.72 -18.44 7.17
C PRO B 167 12.58 -19.21 7.85
N TYR B 168 12.79 -20.51 8.02
CA TYR B 168 11.83 -21.46 8.59
C TYR B 168 10.77 -21.95 7.61
N GLY B 169 10.84 -21.49 6.36
CA GLY B 169 10.07 -22.10 5.29
C GLY B 169 8.63 -21.63 5.26
N SER B 170 7.77 -22.45 4.66
CA SER B 170 6.36 -22.13 4.49
C SER B 170 5.59 -22.02 5.81
N TRP B 171 5.00 -20.85 6.06
CA TRP B 171 4.09 -20.65 7.18
C TRP B 171 2.94 -21.64 7.11
N TYR B 172 2.42 -21.83 5.90
CA TYR B 172 1.29 -22.72 5.64
C TYR B 172 1.60 -24.15 6.13
N LYS B 173 2.71 -24.71 5.65
CA LYS B 173 3.13 -26.05 6.09
C LYS B 173 3.38 -26.10 7.59
N HIS B 174 3.94 -25.02 8.12
CA HIS B 174 4.32 -24.97 9.51
C HIS B 174 3.08 -25.10 10.38
N VAL B 175 2.09 -24.22 10.14
CA VAL B 175 0.89 -24.20 10.99
C VAL B 175 0.05 -25.44 10.78
N LYS B 176 0.00 -25.95 9.55
CA LYS B 176 -0.80 -27.14 9.28
C LYS B 176 -0.22 -28.38 9.96
N SER B 177 1.10 -28.51 9.97
CA SER B 177 1.72 -29.67 10.64
C SER B 177 1.51 -29.61 12.14
N TRP B 178 1.78 -28.45 12.73
CA TRP B 178 1.59 -28.30 14.17
C TRP B 178 0.12 -28.41 14.57
N TRP B 179 -0.78 -28.05 13.67
CA TRP B 179 -2.22 -28.21 13.92
C TRP B 179 -2.55 -29.69 14.12
N GLU B 180 -1.95 -30.55 13.30
CA GLU B 180 -2.10 -31.99 13.47
C GLU B 180 -1.53 -32.48 14.80
N LYS B 181 -0.34 -31.99 15.16
CA LYS B 181 0.24 -32.32 16.46
C LYS B 181 -0.67 -31.84 17.60
N GLY B 182 -1.28 -30.67 17.43
CA GLY B 182 -2.12 -30.04 18.44
C GLY B 182 -3.41 -30.80 18.77
N LYS B 183 -3.73 -31.82 17.98
CA LYS B 183 -4.85 -32.69 18.32
C LYS B 183 -4.55 -33.50 19.57
N SER B 184 -3.27 -33.67 19.86
CA SER B 184 -2.85 -34.34 21.09
C SER B 184 -3.00 -33.42 22.29
N PRO B 185 -3.50 -33.95 23.42
CA PRO B 185 -3.65 -33.22 24.69
C PRO B 185 -2.31 -32.67 25.14
N ARG B 186 -1.24 -33.29 24.65
CA ARG B 186 0.12 -32.97 25.04
C ARG B 186 0.67 -31.72 24.36
N VAL B 187 0.02 -31.30 23.27
CA VAL B 187 0.48 -30.12 22.52
C VAL B 187 -0.61 -29.07 22.55
N LEU B 188 -0.40 -28.00 23.31
CA LEU B 188 -1.39 -26.95 23.43
C LEU B 188 -1.31 -25.98 22.25
N PHE B 189 -2.36 -25.93 21.43
CA PHE B 189 -2.40 -25.08 20.23
C PHE B 189 -3.15 -23.78 20.50
N LEU B 190 -2.43 -22.65 20.49
CA LEU B 190 -3.00 -21.34 20.80
C LEU B 190 -2.96 -20.38 19.61
N PHE B 191 -3.81 -19.35 19.65
CA PHE B 191 -3.83 -18.30 18.65
C PHE B 191 -3.51 -16.95 19.27
N TYR B 192 -2.62 -16.20 18.62
CA TYR B 192 -2.29 -14.83 19.01
C TYR B 192 -3.57 -13.98 19.12
N GLU B 193 -4.47 -14.14 18.17
CA GLU B 193 -5.73 -13.40 18.13
C GLU B 193 -6.61 -13.72 19.36
N ASP B 194 -6.47 -14.92 19.91
CA ASP B 194 -7.21 -15.28 21.14
C ASP B 194 -6.61 -14.58 22.37
N LEU B 195 -5.28 -14.50 22.42
CA LEU B 195 -4.58 -13.78 23.48
C LEU B 195 -4.90 -12.28 23.44
N LYS B 196 -5.06 -11.75 22.23
CA LYS B 196 -5.53 -10.37 22.06
C LYS B 196 -6.99 -10.22 22.53
N GLU B 197 -7.85 -11.12 22.08
CA GLU B 197 -9.29 -11.00 22.36
C GLU B 197 -9.67 -11.16 23.83
N ASP B 198 -9.02 -12.10 24.52
CA ASP B 198 -9.37 -12.38 25.91
C ASP B 198 -8.16 -13.01 26.60
N ILE B 199 -7.21 -12.17 26.99
CA ILE B 199 -5.97 -12.66 27.57
C ILE B 199 -6.23 -13.50 28.82
N ARG B 200 -7.26 -13.13 29.59
CA ARG B 200 -7.58 -13.86 30.81
C ARG B 200 -7.91 -15.31 30.55
N LYS B 201 -8.78 -15.53 29.56
CA LYS B 201 -9.16 -16.88 29.16
C LYS B 201 -7.94 -17.73 28.77
N GLU B 202 -7.00 -17.13 28.05
CA GLU B 202 -5.85 -17.90 27.56
C GLU B 202 -4.84 -18.14 28.67
N VAL B 203 -4.67 -17.16 29.55
CA VAL B 203 -3.77 -17.32 30.69
C VAL B 203 -4.24 -18.46 31.57
N ILE B 204 -5.54 -18.53 31.86
CA ILE B 204 -6.07 -19.57 32.71
C ILE B 204 -5.91 -20.94 32.04
N LYS B 205 -6.15 -20.99 30.72
N LYS B 205 -6.15 -20.99 30.72
CA LYS B 205 -5.96 -22.20 29.94
CA LYS B 205 -5.94 -22.22 29.95
C LYS B 205 -4.51 -22.69 30.03
C LYS B 205 -4.49 -22.68 30.09
N LEU B 206 -3.57 -21.74 30.01
CA LEU B 206 -2.16 -22.05 30.14
C LEU B 206 -1.77 -22.53 31.54
N ILE B 207 -2.35 -21.90 32.57
CA ILE B 207 -2.09 -22.33 33.94
C ILE B 207 -2.52 -23.78 34.16
N HIS B 208 -3.72 -24.14 33.72
CA HIS B 208 -4.19 -25.51 33.82
C HIS B 208 -3.32 -26.47 33.00
N PHE B 209 -2.91 -26.04 31.82
CA PHE B 209 -2.13 -26.90 30.95
C PHE B 209 -0.78 -27.22 31.57
N LEU B 210 -0.22 -26.24 32.29
CA LEU B 210 1.03 -26.44 32.98
C LEU B 210 0.83 -26.96 34.40
N GLU B 211 -0.40 -27.39 34.70
CA GLU B 211 -0.72 -28.02 35.98
C GLU B 211 -0.32 -27.20 37.20
N ARG B 212 -0.59 -25.89 37.18
CA ARG B 212 -0.39 -25.04 38.34
C ARG B 212 -1.76 -24.57 38.85
N LYS B 213 -1.76 -23.95 40.02
CA LYS B 213 -3.01 -23.48 40.62
C LYS B 213 -3.27 -22.05 40.17
N PRO B 214 -4.46 -21.80 39.58
CA PRO B 214 -4.80 -20.47 39.07
C PRO B 214 -5.41 -19.54 40.12
N SER B 215 -4.59 -18.76 40.80
CA SER B 215 -5.13 -17.80 41.75
C SER B 215 -5.43 -16.48 41.02
N GLU B 216 -6.35 -15.69 41.58
CA GLU B 216 -6.65 -14.39 41.01
C GLU B 216 -5.37 -13.56 41.03
N GLU B 217 -4.60 -13.68 42.10
CA GLU B 217 -3.35 -12.94 42.22
C GLU B 217 -2.39 -13.26 41.07
N LEU B 218 -2.29 -14.52 40.72
CA LEU B 218 -1.37 -14.93 39.68
C LEU B 218 -1.85 -14.41 38.33
N VAL B 219 -3.11 -14.69 38.02
CA VAL B 219 -3.74 -14.23 36.79
C VAL B 219 -3.63 -12.71 36.64
N ASP B 220 -3.94 -11.96 37.70
CA ASP B 220 -3.81 -10.50 37.69
C ASP B 220 -2.38 -10.07 37.36
N ARG B 221 -1.39 -10.68 38.01
CA ARG B 221 -0.01 -10.27 37.80
C ARG B 221 0.46 -10.60 36.37
N ILE B 222 0.04 -11.75 35.86
CA ILE B 222 0.43 -12.13 34.49
C ILE B 222 -0.17 -11.15 33.49
N ILE B 223 -1.45 -10.89 33.65
CA ILE B 223 -2.13 -9.96 32.73
C ILE B 223 -1.44 -8.60 32.74
N HIS B 224 -1.15 -8.08 33.93
CA HIS B 224 -0.45 -6.79 33.96
C HIS B 224 0.96 -6.88 33.39
N HIS B 225 1.75 -7.86 33.84
CA HIS B 225 3.16 -7.94 33.47
C HIS B 225 3.38 -8.20 31.97
N THR B 226 2.49 -8.97 31.35
CA THR B 226 2.69 -9.35 29.95
C THR B 226 1.94 -8.47 28.95
N SER B 227 1.37 -7.37 29.43
CA SER B 227 0.70 -6.44 28.53
C SER B 227 1.75 -5.81 27.63
N PHE B 228 1.34 -5.41 26.43
CA PHE B 228 2.26 -4.85 25.43
C PHE B 228 3.08 -3.64 25.92
N GLN B 229 2.45 -2.66 26.54
CA GLN B 229 3.20 -1.47 26.96
C GLN B 229 4.21 -1.78 28.06
N GLU B 230 3.86 -2.67 28.97
CA GLU B 230 4.83 -3.12 29.97
C GLU B 230 6.02 -3.86 29.33
N MET B 231 5.72 -4.81 28.45
CA MET B 231 6.78 -5.61 27.87
C MET B 231 7.67 -4.78 26.93
N LYS B 232 7.05 -3.82 26.23
CA LYS B 232 7.77 -2.88 25.38
C LYS B 232 8.79 -2.03 26.16
N ASN B 233 8.50 -1.76 27.42
CA ASN B 233 9.40 -0.95 28.24
C ASN B 233 10.21 -1.77 29.25
N ASN B 234 10.16 -3.09 29.11
CA ASN B 234 10.88 -4.00 29.98
C ASN B 234 12.12 -4.50 29.25
N PRO B 235 13.31 -4.01 29.63
CA PRO B 235 14.54 -4.37 28.92
C PRO B 235 14.87 -5.87 28.97
N SER B 236 14.17 -6.61 29.81
CA SER B 236 14.35 -8.06 29.86
C SER B 236 13.66 -8.76 28.69
N THR B 237 12.58 -8.16 28.21
CA THR B 237 11.73 -8.79 27.20
C THR B 237 11.71 -8.08 25.84
N ASN B 238 12.22 -6.86 25.78
CA ASN B 238 12.13 -6.07 24.55
C ASN B 238 13.37 -6.11 23.67
N TYR B 239 14.33 -6.95 24.07
CA TYR B 239 15.55 -7.14 23.28
C TYR B 239 16.46 -5.91 23.16
N THR B 240 16.19 -4.84 23.90
CA THR B 240 17.01 -3.63 23.79
C THR B 240 18.45 -3.76 24.31
N THR B 241 18.79 -4.89 24.94
CA THR B 241 20.16 -5.05 25.44
C THR B 241 21.07 -5.48 24.32
N LEU B 242 20.48 -5.96 23.23
CA LEU B 242 21.25 -6.31 22.05
C LEU B 242 21.74 -5.05 21.37
N PRO B 243 23.00 -5.06 20.89
CA PRO B 243 23.57 -3.89 20.22
C PRO B 243 22.86 -3.60 18.90
N ASP B 244 22.92 -2.35 18.46
CA ASP B 244 22.23 -1.93 17.24
C ASP B 244 22.66 -2.71 15.99
N GLU B 245 23.87 -3.28 16.00
CA GLU B 245 24.34 -4.02 14.83
C GLU B 245 23.71 -5.42 14.78
N ILE B 246 23.04 -5.81 15.85
CA ILE B 246 22.28 -7.06 15.88
C ILE B 246 20.78 -6.77 15.66
N MET B 247 20.21 -5.92 16.51
CA MET B 247 18.85 -5.44 16.28
C MET B 247 18.81 -3.92 16.33
N ASN B 248 18.68 -3.30 15.16
CA ASN B 248 18.62 -1.85 15.10
C ASN B 248 17.20 -1.37 15.32
N GLN B 249 16.83 -1.22 16.60
CA GLN B 249 15.46 -0.90 16.97
C GLN B 249 15.08 0.57 16.80
N LYS B 250 16.04 1.40 16.41
CA LYS B 250 15.73 2.77 16.05
C LYS B 250 15.02 2.77 14.70
N LEU B 251 15.35 1.76 13.90
CA LEU B 251 14.72 1.55 12.60
C LEU B 251 13.31 0.96 12.77
N SER B 252 13.23 -0.11 13.56
CA SER B 252 11.95 -0.69 13.93
C SER B 252 12.12 -1.45 15.24
N PRO B 253 11.30 -1.12 16.24
CA PRO B 253 11.45 -1.79 17.53
C PRO B 253 10.92 -3.23 17.51
N PHE B 254 11.41 -4.07 18.42
CA PHE B 254 10.99 -5.46 18.48
C PHE B 254 9.52 -5.50 18.87
N MET B 255 9.19 -4.77 19.93
CA MET B 255 7.81 -4.56 20.32
C MET B 255 7.29 -3.42 19.46
N ARG B 256 6.73 -3.78 18.31
CA ARG B 256 6.44 -2.81 17.25
C ARG B 256 5.06 -2.19 17.44
N LYS B 257 4.00 -2.98 17.22
CA LYS B 257 2.64 -2.48 17.41
C LYS B 257 1.83 -3.35 18.34
N GLY B 258 1.97 -4.66 18.19
CA GLY B 258 1.31 -5.58 19.09
C GLY B 258 -0.18 -5.59 18.90
N ILE B 259 -0.64 -5.47 17.66
CA ILE B 259 -2.07 -5.55 17.38
C ILE B 259 -2.40 -6.66 16.40
N THR B 260 -3.69 -6.92 16.26
CA THR B 260 -4.16 -7.78 15.18
C THR B 260 -4.72 -6.87 14.11
N GLY B 261 -4.36 -7.13 12.86
CA GLY B 261 -4.95 -6.38 11.75
C GLY B 261 -4.06 -5.31 11.15
N ASP B 262 -2.77 -5.31 11.50
CA ASP B 262 -1.87 -4.34 10.90
C ASP B 262 -1.70 -4.61 9.41
N TRP B 263 -2.07 -5.81 8.94
CA TRP B 263 -2.06 -6.09 7.51
C TRP B 263 -2.95 -5.11 6.74
N LYS B 264 -4.00 -4.63 7.37
CA LYS B 264 -4.90 -3.65 6.77
C LYS B 264 -4.19 -2.35 6.40
N ASN B 265 -3.09 -2.06 7.08
CA ASN B 265 -2.31 -0.85 6.84
C ASN B 265 -1.18 -1.09 5.86
N HIS B 266 -1.06 -2.31 5.34
CA HIS B 266 0.07 -2.66 4.50
C HIS B 266 -0.27 -3.28 3.15
N PHE B 267 -1.20 -4.24 3.13
CA PHE B 267 -1.61 -4.86 1.88
C PHE B 267 -2.48 -3.91 1.06
N THR B 268 -2.12 -3.73 -0.21
CA THR B 268 -3.03 -3.06 -1.15
C THR B 268 -4.19 -3.99 -1.43
N GLU B 269 -5.27 -3.47 -2.01
CA GLU B 269 -6.41 -4.31 -2.40
C GLU B 269 -5.95 -5.43 -3.34
N ALA B 270 -5.04 -5.12 -4.25
CA ALA B 270 -4.57 -6.09 -5.23
C ALA B 270 -3.78 -7.20 -4.56
N LEU B 271 -2.84 -6.82 -3.69
CA LEU B 271 -2.03 -7.77 -2.96
C LEU B 271 -2.88 -8.64 -2.03
N ASN B 272 -3.91 -8.04 -1.43
N ASN B 272 -3.92 -8.04 -1.46
CA ASN B 272 -4.85 -8.80 -0.60
CA ASN B 272 -4.83 -8.78 -0.60
C ASN B 272 -5.58 -9.84 -1.43
C ASN B 272 -5.60 -9.81 -1.41
N GLU B 273 -5.98 -9.46 -2.63
CA GLU B 273 -6.70 -10.38 -3.50
C GLU B 273 -5.80 -11.56 -3.91
N LYS B 274 -4.56 -11.25 -4.31
CA LYS B 274 -3.61 -12.28 -4.70
C LYS B 274 -3.29 -13.20 -3.51
N PHE B 275 -3.02 -12.61 -2.35
CA PHE B 275 -2.74 -13.37 -1.14
C PHE B 275 -3.90 -14.27 -0.70
N ASP B 276 -5.13 -13.74 -0.72
CA ASP B 276 -6.27 -14.50 -0.22
C ASP B 276 -6.54 -15.69 -1.12
N LYS B 277 -6.33 -15.48 -2.40
CA LYS B 277 -6.52 -16.52 -3.40
C LYS B 277 -5.52 -17.63 -3.15
N HIS B 278 -4.24 -17.26 -3.02
CA HIS B 278 -3.17 -18.22 -2.70
C HIS B 278 -3.43 -18.94 -1.37
N TYR B 279 -3.89 -18.19 -0.37
CA TYR B 279 -4.16 -18.72 0.96
C TYR B 279 -5.18 -19.84 0.92
N GLU B 280 -6.29 -19.60 0.24
N GLU B 280 -6.30 -19.60 0.26
CA GLU B 280 -7.36 -20.59 0.13
CA GLU B 280 -7.35 -20.62 0.14
C GLU B 280 -6.84 -21.88 -0.54
C GLU B 280 -6.82 -21.89 -0.52
N GLN B 281 -5.99 -21.74 -1.54
CA GLN B 281 -5.38 -22.91 -2.18
C GLN B 281 -4.49 -23.69 -1.22
N GLN B 282 -3.79 -22.98 -0.33
CA GLN B 282 -2.94 -23.61 0.65
C GLN B 282 -3.69 -24.26 1.81
N MET B 283 -4.81 -23.65 2.21
CA MET B 283 -5.39 -23.96 3.52
C MET B 283 -6.78 -24.59 3.54
N LYS B 284 -7.42 -24.70 2.38
CA LYS B 284 -8.84 -25.09 2.38
C LYS B 284 -9.14 -26.53 2.78
N GLU B 285 -8.15 -27.42 2.72
CA GLU B 285 -8.33 -28.79 3.20
C GLU B 285 -8.02 -28.96 4.69
N SER B 286 -7.59 -27.89 5.35
CA SER B 286 -7.26 -28.00 6.77
C SER B 286 -8.44 -27.59 7.64
N THR B 287 -8.61 -28.21 8.81
CA THR B 287 -9.67 -27.80 9.73
C THR B 287 -9.24 -26.61 10.58
N LEU B 288 -7.97 -26.25 10.49
CA LEU B 288 -7.48 -25.03 11.14
C LEU B 288 -8.15 -23.79 10.55
N LYS B 289 -8.69 -22.92 11.40
CA LYS B 289 -9.38 -21.71 10.95
C LYS B 289 -8.87 -20.45 11.66
N PHE B 290 -8.44 -19.45 10.88
CA PHE B 290 -7.86 -18.20 11.42
C PHE B 290 -8.75 -17.00 11.31
N ARG B 291 -8.57 -16.08 12.25
CA ARG B 291 -9.19 -14.76 12.17
C ARG B 291 -8.15 -13.70 11.79
N THR B 292 -8.42 -12.95 10.73
CA THR B 292 -7.56 -11.85 10.32
C THR B 292 -8.02 -10.52 10.94
#